data_4JII
#
_entry.id   4JII
#
_cell.length_a   90.002
_cell.length_b   90.002
_cell.length_c   78.552
_cell.angle_alpha   90.00
_cell.angle_beta   90.00
_cell.angle_gamma   120.00
#
_symmetry.space_group_name_H-M   'P 61'
#
loop_
_entity.id
_entity.type
_entity.pdbx_description
1 polymer 'Aldo-keto reductase family 1 member B10'
2 non-polymer 'NADP NICOTINAMIDE-ADENINE-DINUCLEOTIDE PHOSPHATE'
3 non-polymer '3,4-DIHYDRO-4-OXO-3-((5-TRIFLUOROMETHYL-2-BENZOTHIAZOLYL)METHYL)-1-PHTHALAZINE ACETIC ACID'
4 non-polymer 'SODIUM ION'
5 water water
#
_entity_poly.entity_id   1
_entity_poly.type   'polypeptide(L)'
_entity_poly.pdbx_seq_one_letter_code
;SHMATFVELSTKAKMPIVGLGTWKSPLGKVKEAVKVAIDAGYRHIDCAYVYQNEHEVGEAIQEKIQEKAVKREDLFIVSK
LWPTFFERPLVRKAFEKTLKDLKLSYLDVYLIHWPQGFKSGDDLFPKDDKGNAIGGKATFLDAWEAMEELVDEGLVKALG
VSNFSHFQIEKLLNKPGLKYKPVTNQVECHPYLTQEKLIQYCHSKGITVTAYSPLGSPDRPWAKPEDPSLLEDPKIKEIA
AKHKKTAAQVLIRFHIQRNVIVIPKSVTPARIVENIQVFDFKLSDEEMATILSFNRNWRACNVLQSSHLEDYPFDAEY
;
_entity_poly.pdbx_strand_id   X
#
loop_
_chem_comp.id
_chem_comp.type
_chem_comp.name
_chem_comp.formula
NA non-polymer 'SODIUM ION' 'Na 1'
NAP non-polymer 'NADP NICOTINAMIDE-ADENINE-DINUCLEOTIDE PHOSPHATE' 'C21 H28 N7 O17 P3'
ZST non-polymer '3,4-DIHYDRO-4-OXO-3-((5-TRIFLUOROMETHYL-2-BENZOTHIAZOLYL)METHYL)-1-PHTHALAZINE ACETIC ACID' 'C19 H12 F3 N3 O3 S'
#
# COMPACT_ATOMS: atom_id res chain seq x y z
N SER A 1 16.27 2.75 18.47
CA SER A 1 14.91 2.21 18.40
C SER A 1 13.91 3.31 18.06
N HIS A 2 13.06 3.00 17.08
CA HIS A 2 12.12 3.97 16.59
C HIS A 2 10.73 3.35 16.66
N MET A 3 9.73 4.20 16.74
CA MET A 3 8.37 3.73 16.67
C MET A 3 7.53 4.72 15.91
N ALA A 4 6.94 4.25 14.81
CA ALA A 4 6.02 5.08 14.08
C ALA A 4 4.78 5.34 14.93
N THR A 5 4.29 6.57 14.87
CA THR A 5 3.02 6.95 15.43
C THR A 5 1.89 6.04 14.91
N PHE A 6 0.85 5.86 15.73
CA PHE A 6 -0.31 5.05 15.35
C PHE A 6 -1.40 5.89 14.69
N VAL A 7 -1.98 5.34 13.62
CA VAL A 7 -3.23 5.90 13.10
C VAL A 7 -4.36 4.92 13.46
N GLU A 8 -5.41 5.44 14.10
CA GLU A 8 -6.50 4.60 14.52
C GLU A 8 -7.48 4.30 13.38
N LEU A 9 -7.77 3.02 13.17
CA LEU A 9 -8.76 2.58 12.19
C LEU A 9 -10.17 2.55 12.79
N SER A 10 -11.18 2.48 11.92
CA SER A 10 -12.57 2.43 12.37
C SER A 10 -12.85 1.22 13.23
N THR A 11 -11.96 0.23 13.20
CA THR A 11 -12.10 -0.95 14.04
C THR A 11 -11.38 -0.79 15.38
N LYS A 12 -10.83 0.40 15.62
CA LYS A 12 -10.03 0.70 16.82
C LYS A 12 -8.64 0.06 16.81
N ALA A 13 -8.35 -0.81 15.85
CA ALA A 13 -7.01 -1.33 15.71
C ALA A 13 -6.06 -0.18 15.35
N LYS A 14 -4.79 -0.31 15.71
CA LYS A 14 -3.82 0.77 15.52
C LYS A 14 -2.81 0.45 14.42
N MET A 15 -2.85 1.25 13.36
CA MET A 15 -2.02 1.03 12.19
C MET A 15 -0.83 1.97 12.21
N PRO A 16 0.40 1.41 12.24
CA PRO A 16 1.59 2.28 12.28
C PRO A 16 1.66 3.16 11.02
N ILE A 17 1.90 4.45 11.23
CA ILE A 17 1.81 5.43 10.15
C ILE A 17 2.94 5.32 9.12
N VAL A 18 4.05 4.66 9.47
CA VAL A 18 5.08 4.32 8.49
C VAL A 18 5.21 2.80 8.41
N GLY A 19 5.25 2.28 7.19
CA GLY A 19 5.43 0.86 6.98
C GLY A 19 6.47 0.57 5.91
N LEU A 20 6.90 -0.69 5.80
CA LEU A 20 7.88 -1.08 4.80
C LEU A 20 7.26 -1.63 3.51
N GLY A 21 7.46 -0.93 2.40
CA GLY A 21 7.04 -1.45 1.10
C GLY A 21 7.95 -2.58 0.66
N THR A 22 7.41 -3.56 -0.07
CA THR A 22 8.20 -4.73 -0.47
C THR A 22 8.10 -5.05 -1.96
N TRP A 23 7.46 -4.18 -2.73
CA TRP A 23 7.38 -4.43 -4.17
C TRP A 23 8.72 -4.12 -4.86
N LYS A 24 9.19 -5.08 -5.66
CA LYS A 24 10.49 -5.05 -6.39
C LYS A 24 11.67 -5.38 -5.49
N SER A 25 11.39 -5.75 -4.24
CA SER A 25 12.45 -6.20 -3.34
C SER A 25 12.83 -7.63 -3.71
N PRO A 26 14.05 -7.80 -4.26
CA PRO A 26 14.48 -9.08 -4.86
C PRO A 26 14.56 -10.21 -3.84
N LEU A 27 14.37 -11.44 -4.31
CA LEU A 27 14.62 -12.59 -3.47
C LEU A 27 16.10 -12.55 -3.05
N GLY A 28 16.36 -12.90 -1.79
CA GLY A 28 17.70 -12.77 -1.24
C GLY A 28 17.80 -11.51 -0.41
N LYS A 29 17.47 -10.37 -1.02
CA LYS A 29 17.63 -9.09 -0.34
C LYS A 29 16.45 -8.71 0.57
N VAL A 30 15.26 -9.20 0.24
CA VAL A 30 14.08 -8.78 0.97
C VAL A 30 14.02 -9.30 2.42
N LYS A 31 14.55 -10.48 2.66
CA LYS A 31 14.50 -11.08 4.00
C LYS A 31 15.29 -10.24 5.00
N GLU A 32 16.50 -9.88 4.58
CA GLU A 32 17.35 -9.01 5.38
C GLU A 32 16.73 -7.61 5.53
N ALA A 33 16.04 -7.14 4.49
CA ALA A 33 15.40 -5.83 4.54
C ALA A 33 14.36 -5.80 5.64
N VAL A 34 13.51 -6.84 5.68
CA VAL A 34 12.50 -6.96 6.71
C VAL A 34 13.10 -7.05 8.12
N LYS A 35 14.20 -7.79 8.25
CA LYS A 35 14.90 -7.93 9.52
C LYS A 35 15.46 -6.60 9.99
N VAL A 36 16.12 -5.88 9.09
CA VAL A 36 16.68 -4.59 9.44
C VAL A 36 15.55 -3.67 9.89
N ALA A 37 14.46 -3.66 9.12
CA ALA A 37 13.31 -2.82 9.42
C ALA A 37 12.79 -3.11 10.82
N ILE A 38 12.67 -4.39 11.13
CA ILE A 38 12.10 -4.81 12.41
C ILE A 38 13.01 -4.37 13.57
N ASP A 39 14.32 -4.55 13.41
CA ASP A 39 15.30 -4.11 14.40
C ASP A 39 15.26 -2.59 14.57
N ALA A 40 15.02 -1.88 13.49
CA ALA A 40 14.94 -0.43 13.54
C ALA A 40 13.65 0.04 14.21
N GLY A 41 12.63 -0.83 14.25
CA GLY A 41 11.39 -0.48 14.91
C GLY A 41 10.16 -0.49 14.01
N TYR A 42 10.33 -0.81 12.73
CA TYR A 42 9.16 -0.97 11.87
C TYR A 42 8.26 -2.05 12.43
N ARG A 43 6.94 -1.88 12.30
CA ARG A 43 6.01 -2.91 12.71
C ARG A 43 5.00 -3.16 11.59
N HIS A 44 4.97 -2.26 10.61
CA HIS A 44 4.01 -2.32 9.52
C HIS A 44 4.74 -2.76 8.26
N ILE A 45 4.35 -3.92 7.72
CA ILE A 45 4.95 -4.41 6.48
C ILE A 45 3.88 -4.49 5.41
N ASP A 46 4.11 -3.84 4.26
CA ASP A 46 3.17 -3.93 3.15
C ASP A 46 3.62 -5.00 2.16
N CYS A 47 2.73 -5.97 1.93
CA CYS A 47 3.03 -7.13 1.11
C CYS A 47 1.98 -7.31 0.03
N ALA A 48 2.24 -8.27 -0.85
CA ALA A 48 1.27 -8.65 -1.87
C ALA A 48 1.66 -9.98 -2.52
N TYR A 49 0.63 -10.79 -2.77
CA TYR A 49 0.73 -11.99 -3.57
C TYR A 49 1.57 -11.74 -4.84
N VAL A 50 1.20 -10.70 -5.56
CA VAL A 50 1.79 -10.41 -6.86
C VAL A 50 3.25 -9.93 -6.80
N TYR A 51 3.76 -9.63 -5.61
CA TYR A 51 5.18 -9.22 -5.48
C TYR A 51 6.10 -10.44 -5.42
N GLN A 52 5.49 -11.61 -5.18
CA GLN A 52 6.18 -12.90 -5.24
C GLN A 52 7.42 -13.05 -4.38
N ASN A 53 7.40 -12.45 -3.19
CA ASN A 53 8.48 -12.57 -2.23
C ASN A 53 7.96 -12.77 -0.81
N GLU A 54 6.65 -13.03 -0.69
CA GLU A 54 6.00 -13.14 0.61
C GLU A 54 6.61 -14.24 1.50
N HIS A 55 7.11 -15.31 0.89
CA HIS A 55 7.71 -16.41 1.64
C HIS A 55 9.01 -15.98 2.33
N GLU A 56 9.80 -15.13 1.67
CA GLU A 56 10.99 -14.59 2.32
C GLU A 56 10.63 -13.57 3.38
N VAL A 57 9.57 -12.79 3.13
CA VAL A 57 9.05 -11.92 4.18
C VAL A 57 8.58 -12.78 5.34
N GLY A 58 7.89 -13.88 5.02
CA GLY A 58 7.52 -14.86 6.02
C GLY A 58 8.69 -15.35 6.84
N GLU A 59 9.76 -15.77 6.16
CA GLU A 59 10.96 -16.28 6.83
C GLU A 59 11.46 -15.30 7.88
N ALA A 60 11.59 -14.03 7.46
CA ALA A 60 12.14 -12.97 8.29
C ALA A 60 11.28 -12.69 9.52
N ILE A 61 9.97 -12.56 9.30
CA ILE A 61 9.03 -12.34 10.40
C ILE A 61 9.09 -13.50 11.40
N GLN A 62 9.04 -14.73 10.87
CA GLN A 62 9.08 -15.91 11.72
C GLN A 62 10.35 -15.93 12.57
N GLU A 63 11.49 -15.64 11.92
CA GLU A 63 12.76 -15.66 12.63
C GLU A 63 12.87 -14.56 13.67
N LYS A 64 12.16 -13.46 13.45
CA LYS A 64 12.23 -12.34 14.40
C LYS A 64 11.36 -12.61 15.61
N ILE A 65 10.21 -13.24 15.37
CA ILE A 65 9.33 -13.62 16.46
C ILE A 65 10.02 -14.66 17.34
N GLN A 66 10.55 -15.71 16.70
CA GLN A 66 11.25 -16.77 17.41
C GLN A 66 12.40 -16.28 18.27
N GLU A 67 13.16 -15.31 17.77
CA GLU A 67 14.30 -14.81 18.53
C GLU A 67 13.88 -13.68 19.47
N LYS A 68 12.56 -13.45 19.53
CA LYS A 68 11.92 -12.55 20.49
C LYS A 68 12.35 -11.08 20.37
N ALA A 69 12.60 -10.65 19.13
CA ALA A 69 12.86 -9.27 18.85
C ALA A 69 11.53 -8.52 18.78
N VAL A 70 10.47 -9.28 18.53
CA VAL A 70 9.14 -8.71 18.36
C VAL A 70 8.06 -9.77 18.58
N LYS A 71 6.88 -9.33 19.03
CA LYS A 71 5.73 -10.22 19.16
C LYS A 71 4.75 -10.01 18.01
N ARG A 72 4.05 -11.09 17.61
CA ARG A 72 3.08 -11.04 16.53
C ARG A 72 2.01 -9.96 16.74
N GLU A 73 1.54 -9.81 17.97
CA GLU A 73 0.46 -8.88 18.26
C GLU A 73 0.83 -7.44 17.92
N ASP A 74 2.13 -7.13 17.98
CA ASP A 74 2.65 -5.78 17.71
C ASP A 74 3.09 -5.58 16.25
N LEU A 75 3.09 -6.64 15.47
CA LEU A 75 3.36 -6.50 14.04
C LEU A 75 2.05 -6.17 13.32
N PHE A 76 2.17 -5.43 12.21
CA PHE A 76 0.99 -5.06 11.43
C PHE A 76 1.22 -5.43 9.99
N ILE A 77 0.71 -6.58 9.58
CA ILE A 77 1.00 -7.13 8.27
C ILE A 77 -0.18 -6.96 7.33
N VAL A 78 0.10 -6.38 6.17
CA VAL A 78 -0.93 -6.11 5.17
C VAL A 78 -0.61 -6.88 3.91
N SER A 79 -1.60 -7.57 3.35
CA SER A 79 -1.40 -8.15 2.02
C SER A 79 -2.62 -7.90 1.15
N LYS A 80 -2.59 -8.40 -0.07
CA LYS A 80 -3.56 -7.97 -1.05
C LYS A 80 -4.05 -9.10 -1.95
N LEU A 81 -5.31 -8.99 -2.37
CA LEU A 81 -5.91 -9.93 -3.29
C LEU A 81 -5.76 -9.41 -4.71
N TRP A 82 -5.06 -10.19 -5.53
CA TRP A 82 -4.80 -9.83 -6.93
C TRP A 82 -6.06 -10.13 -7.78
N PRO A 83 -6.39 -9.25 -8.74
CA PRO A 83 -7.57 -9.31 -9.59
C PRO A 83 -7.86 -10.62 -10.33
N THR A 84 -6.88 -11.52 -10.46
CA THR A 84 -7.15 -12.79 -11.16
C THR A 84 -7.78 -13.81 -10.22
N PHE A 85 -8.03 -13.42 -8.96
CA PHE A 85 -8.60 -14.35 -8.00
C PHE A 85 -9.89 -13.86 -7.35
N PHE A 86 -10.73 -13.14 -8.09
CA PHE A 86 -11.93 -12.56 -7.51
C PHE A 86 -13.04 -13.58 -7.26
N GLU A 87 -13.07 -14.65 -8.05
CA GLU A 87 -14.07 -15.70 -7.89
C GLU A 87 -13.92 -16.39 -6.54
N ARG A 88 -15.04 -16.61 -5.85
CA ARG A 88 -15.04 -17.02 -4.45
C ARG A 88 -14.07 -18.12 -4.01
N PRO A 89 -14.04 -19.27 -4.72
CA PRO A 89 -13.09 -20.31 -4.27
C PRO A 89 -11.64 -19.85 -4.45
N LEU A 90 -11.40 -18.97 -5.42
CA LEU A 90 -10.06 -18.47 -5.68
C LEU A 90 -9.63 -17.46 -4.62
N VAL A 91 -10.58 -16.68 -4.12
CA VAL A 91 -10.28 -15.70 -3.08
C VAL A 91 -9.68 -16.44 -1.89
N ARG A 92 -10.36 -17.51 -1.48
CA ARG A 92 -9.95 -18.27 -0.31
C ARG A 92 -8.58 -18.91 -0.53
N LYS A 93 -8.36 -19.43 -1.74
CA LYS A 93 -7.11 -20.09 -2.09
C LYS A 93 -5.92 -19.13 -2.10
N ALA A 94 -6.05 -18.01 -2.81
CA ALA A 94 -5.00 -16.98 -2.88
C ALA A 94 -4.65 -16.49 -1.49
N PHE A 95 -5.67 -16.29 -0.67
CA PHE A 95 -5.45 -15.85 0.70
C PHE A 95 -4.68 -16.90 1.45
N GLU A 96 -5.02 -18.17 1.22
CA GLU A 96 -4.34 -19.26 1.91
C GLU A 96 -2.86 -19.36 1.53
N LYS A 97 -2.55 -19.19 0.24
CA LYS A 97 -1.16 -19.17 -0.19
C LYS A 97 -0.38 -17.99 0.42
N THR A 98 -0.99 -16.81 0.38
CA THR A 98 -0.41 -15.62 1.00
C THR A 98 -0.14 -15.86 2.48
N LEU A 99 -1.12 -16.44 3.18
CA LEU A 99 -0.98 -16.67 4.61
C LEU A 99 0.08 -17.72 4.89
N LYS A 100 0.17 -18.73 4.02
CA LYS A 100 1.14 -19.81 4.20
C LYS A 100 2.55 -19.28 3.98
N ASP A 101 2.74 -18.61 2.85
CA ASP A 101 4.02 -17.99 2.52
C ASP A 101 4.47 -17.07 3.65
N LEU A 102 3.55 -16.30 4.21
CA LEU A 102 3.89 -15.36 5.26
C LEU A 102 4.06 -16.02 6.64
N LYS A 103 3.85 -17.33 6.71
CA LYS A 103 3.91 -18.07 7.98
C LYS A 103 3.13 -17.39 9.09
N LEU A 104 1.90 -17.00 8.79
CA LEU A 104 1.05 -16.33 9.76
C LEU A 104 -0.22 -17.14 10.00
N SER A 105 -0.89 -16.85 11.10
CA SER A 105 -2.20 -17.44 11.37
C SER A 105 -3.30 -16.40 11.14
N TYR A 106 -2.90 -15.15 10.88
CA TYR A 106 -3.86 -14.09 10.56
C TYR A 106 -3.18 -12.88 9.92
N LEU A 107 -3.92 -12.16 9.08
CA LEU A 107 -3.45 -10.88 8.55
C LEU A 107 -4.13 -9.74 9.27
N ASP A 108 -3.41 -8.64 9.47
CA ASP A 108 -4.00 -7.47 10.09
C ASP A 108 -4.95 -6.77 9.12
N VAL A 109 -4.53 -6.59 7.87
CA VAL A 109 -5.44 -6.09 6.85
C VAL A 109 -5.28 -6.88 5.55
N TYR A 110 -6.39 -7.18 4.88
CA TYR A 110 -6.36 -7.81 3.56
C TYR A 110 -7.03 -6.88 2.56
N LEU A 111 -6.31 -6.50 1.51
CA LEU A 111 -6.77 -5.44 0.61
C LEU A 111 -7.17 -6.01 -0.73
N ILE A 112 -8.18 -5.40 -1.36
CA ILE A 112 -8.38 -5.63 -2.78
C ILE A 112 -7.35 -4.79 -3.55
N HIS A 113 -6.42 -5.47 -4.20
CA HIS A 113 -5.26 -4.83 -4.81
C HIS A 113 -5.61 -3.82 -5.90
N TRP A 114 -6.54 -4.19 -6.77
CA TRP A 114 -7.04 -3.30 -7.81
C TRP A 114 -8.54 -3.57 -7.99
N PRO A 115 -9.31 -2.54 -8.33
CA PRO A 115 -10.77 -2.70 -8.42
C PRO A 115 -11.21 -3.55 -9.61
N GLN A 116 -10.42 -3.57 -10.68
CA GLN A 116 -10.80 -4.29 -11.90
C GLN A 116 -10.42 -5.77 -11.82
N GLY A 117 -11.40 -6.65 -12.03
CA GLY A 117 -11.15 -8.09 -12.03
C GLY A 117 -10.55 -8.57 -13.34
N PHE A 118 -9.64 -9.53 -13.25
CA PHE A 118 -9.03 -10.13 -14.44
C PHE A 118 -9.45 -11.58 -14.62
N LYS A 119 -9.34 -12.05 -15.86
CA LYS A 119 -9.63 -13.43 -16.19
C LYS A 119 -8.81 -14.34 -15.31
N SER A 120 -9.46 -15.37 -14.74
CA SER A 120 -8.74 -16.32 -13.91
C SER A 120 -7.84 -17.22 -14.77
N GLY A 121 -6.86 -17.87 -14.12
CA GLY A 121 -5.97 -18.77 -14.83
C GLY A 121 -4.54 -18.64 -14.37
N ASP A 122 -3.68 -19.51 -14.88
CA ASP A 122 -2.27 -19.52 -14.51
C ASP A 122 -1.56 -18.38 -15.23
N ASP A 123 -1.93 -17.14 -14.90
CA ASP A 123 -1.45 -15.98 -15.63
C ASP A 123 -1.83 -14.70 -14.89
N LEU A 124 -0.84 -13.91 -14.49
CA LEU A 124 -1.10 -12.73 -13.65
C LEU A 124 -1.69 -11.55 -14.41
N PHE A 125 -1.24 -11.34 -15.63
CA PHE A 125 -1.76 -10.25 -16.44
C PHE A 125 -2.30 -10.78 -17.76
N PRO A 126 -3.43 -11.52 -17.73
CA PRO A 126 -3.98 -12.05 -18.98
C PRO A 126 -4.26 -10.96 -20.00
N LYS A 127 -3.82 -11.19 -21.24
CA LYS A 127 -4.00 -10.21 -22.32
C LYS A 127 -4.50 -10.87 -23.62
N ASP A 128 -5.06 -10.06 -24.51
CA ASP A 128 -5.59 -10.53 -25.80
C ASP A 128 -4.47 -10.66 -26.84
N ASP A 129 -4.83 -10.59 -28.12
CA ASP A 129 -3.85 -10.63 -29.22
C ASP A 129 -3.02 -9.36 -29.27
N LYS A 130 -3.61 -8.26 -28.80
CA LYS A 130 -2.84 -7.07 -28.48
C LYS A 130 -2.43 -7.21 -27.02
N GLY A 131 -2.04 -6.12 -26.37
CA GLY A 131 -1.67 -6.18 -24.97
C GLY A 131 -2.81 -5.72 -24.08
N ASN A 132 -4.04 -5.83 -24.58
CA ASN A 132 -5.21 -5.40 -23.81
C ASN A 132 -5.56 -6.40 -22.71
N ALA A 133 -5.73 -5.87 -21.50
CA ALA A 133 -6.12 -6.66 -20.35
C ALA A 133 -7.41 -7.41 -20.64
N ILE A 134 -7.50 -8.65 -20.18
CA ILE A 134 -8.74 -9.40 -20.27
C ILE A 134 -9.45 -9.44 -18.92
N GLY A 135 -10.66 -8.88 -18.88
CA GLY A 135 -11.43 -8.81 -17.65
C GLY A 135 -12.04 -10.15 -17.28
N GLY A 136 -12.37 -10.31 -16.01
CA GLY A 136 -13.00 -11.52 -15.53
C GLY A 136 -14.49 -11.37 -15.28
N LYS A 137 -15.09 -12.43 -14.74
CA LYS A 137 -16.51 -12.47 -14.46
C LYS A 137 -16.82 -11.77 -13.12
N ALA A 138 -16.12 -12.19 -12.07
CA ALA A 138 -16.37 -11.69 -10.73
C ALA A 138 -15.85 -10.26 -10.54
N THR A 139 -16.59 -9.48 -9.76
CA THR A 139 -16.24 -8.08 -9.51
C THR A 139 -15.64 -7.92 -8.12
N PHE A 140 -15.17 -6.71 -7.81
CA PHE A 140 -14.63 -6.46 -6.50
C PHE A 140 -15.72 -6.61 -5.43
N LEU A 141 -16.98 -6.42 -5.81
CA LEU A 141 -18.10 -6.66 -4.89
C LEU A 141 -18.20 -8.14 -4.55
N ASP A 142 -18.12 -9.00 -5.57
CA ASP A 142 -18.12 -10.45 -5.35
C ASP A 142 -16.96 -10.82 -4.43
N ALA A 143 -15.76 -10.37 -4.79
CA ALA A 143 -14.56 -10.64 -4.00
C ALA A 143 -14.73 -10.24 -2.53
N TRP A 144 -15.26 -9.05 -2.29
CA TRP A 144 -15.43 -8.54 -0.93
C TRP A 144 -16.26 -9.48 -0.04
N GLU A 145 -17.34 -10.01 -0.62
CA GLU A 145 -18.20 -10.93 0.09
C GLU A 145 -17.42 -12.14 0.56
N ALA A 146 -16.54 -12.67 -0.29
CA ALA A 146 -15.69 -13.79 0.10
C ALA A 146 -14.71 -13.35 1.18
N MET A 147 -14.19 -12.13 1.04
CA MET A 147 -13.21 -11.62 1.99
C MET A 147 -13.84 -11.43 3.36
N GLU A 148 -15.11 -11.05 3.37
CA GLU A 148 -15.80 -10.83 4.64
C GLU A 148 -15.83 -12.10 5.49
N GLU A 149 -15.87 -13.24 4.83
CA GLU A 149 -15.84 -14.51 5.54
C GLU A 149 -14.53 -14.74 6.26
N LEU A 150 -13.42 -14.24 5.68
CA LEU A 150 -12.12 -14.36 6.32
C LEU A 150 -12.16 -13.65 7.65
N VAL A 151 -12.87 -12.52 7.69
CA VAL A 151 -13.00 -11.75 8.93
C VAL A 151 -13.87 -12.51 9.93
N ASP A 152 -14.97 -13.07 9.45
CA ASP A 152 -15.88 -13.86 10.29
C ASP A 152 -15.14 -15.00 10.99
N GLU A 153 -14.15 -15.56 10.31
CA GLU A 153 -13.41 -16.72 10.83
C GLU A 153 -12.15 -16.36 11.62
N GLY A 154 -11.90 -15.06 11.80
CA GLY A 154 -10.75 -14.62 12.59
C GLY A 154 -9.42 -14.66 11.86
N LEU A 155 -9.47 -14.91 10.55
CA LEU A 155 -8.26 -15.04 9.73
C LEU A 155 -7.69 -13.70 9.29
N VAL A 156 -8.52 -12.66 9.32
CA VAL A 156 -8.12 -11.32 8.93
C VAL A 156 -8.79 -10.33 9.90
N LYS A 157 -8.03 -9.36 10.39
CA LYS A 157 -8.59 -8.42 11.35
C LYS A 157 -9.48 -7.38 10.66
N ALA A 158 -9.10 -6.97 9.45
CA ALA A 158 -9.88 -5.95 8.76
C ALA A 158 -9.61 -5.98 7.27
N LEU A 159 -10.56 -5.42 6.51
CA LEU A 159 -10.47 -5.40 5.06
C LEU A 159 -10.23 -3.97 4.60
N GLY A 160 -9.65 -3.85 3.40
CA GLY A 160 -9.51 -2.54 2.80
C GLY A 160 -9.43 -2.63 1.29
N VAL A 161 -9.20 -1.48 0.65
CA VAL A 161 -9.14 -1.43 -0.79
C VAL A 161 -7.86 -0.72 -1.25
N SER A 162 -7.54 -0.89 -2.52
CA SER A 162 -6.39 -0.22 -3.11
C SER A 162 -6.71 0.20 -4.54
N ASN A 163 -6.29 1.41 -4.92
CA ASN A 163 -6.56 1.95 -6.24
C ASN A 163 -8.06 2.14 -6.55
N PHE A 164 -8.84 2.43 -5.52
CA PHE A 164 -10.27 2.68 -5.69
C PHE A 164 -10.51 4.16 -5.83
N SER A 165 -11.43 4.54 -6.71
CA SER A 165 -11.90 5.91 -6.79
C SER A 165 -13.03 6.05 -5.79
N HIS A 166 -13.47 7.27 -5.52
CA HIS A 166 -14.56 7.43 -4.57
C HIS A 166 -15.87 6.82 -5.09
N PHE A 167 -16.07 6.82 -6.41
CA PHE A 167 -17.23 6.16 -6.99
C PHE A 167 -17.24 4.68 -6.64
N GLN A 168 -16.07 4.06 -6.75
CA GLN A 168 -15.97 2.65 -6.45
C GLN A 168 -16.15 2.36 -4.94
N ILE A 169 -15.66 3.27 -4.10
CA ILE A 169 -15.87 3.15 -2.66
C ILE A 169 -17.36 3.34 -2.32
N GLU A 170 -18.00 4.29 -2.99
CA GLU A 170 -19.44 4.51 -2.88
C GLU A 170 -20.20 3.23 -3.18
N LYS A 171 -19.79 2.56 -4.26
CA LYS A 171 -20.41 1.30 -4.67
C LYS A 171 -20.30 0.24 -3.58
N LEU A 172 -19.12 0.10 -2.98
CA LEU A 172 -18.89 -0.89 -1.94
C LEU A 172 -19.71 -0.56 -0.69
N LEU A 173 -19.73 0.72 -0.31
CA LEU A 173 -20.39 1.13 0.92
C LEU A 173 -21.91 0.98 0.86
N ASN A 174 -22.48 1.15 -0.34
CA ASN A 174 -23.93 1.06 -0.52
C ASN A 174 -24.36 -0.34 -0.92
N LYS A 175 -23.40 -1.26 -0.92
CA LYS A 175 -23.68 -2.63 -1.28
C LYS A 175 -24.64 -3.26 -0.25
N PRO A 176 -25.68 -3.96 -0.74
CA PRO A 176 -26.64 -4.65 0.13
C PRO A 176 -25.99 -5.79 0.92
N GLY A 177 -26.33 -5.89 2.21
CA GLY A 177 -25.80 -6.94 3.05
C GLY A 177 -24.35 -6.71 3.43
N LEU A 178 -23.87 -5.49 3.21
CA LEU A 178 -22.49 -5.15 3.58
C LEU A 178 -22.24 -5.49 5.04
N LYS A 179 -21.21 -6.29 5.29
CA LYS A 179 -20.89 -6.71 6.65
C LYS A 179 -19.71 -5.92 7.24
N TYR A 180 -18.69 -5.67 6.41
CA TYR A 180 -17.49 -4.97 6.88
C TYR A 180 -17.13 -3.83 5.96
N LYS A 181 -16.67 -2.73 6.57
CA LYS A 181 -16.23 -1.55 5.83
C LYS A 181 -14.73 -1.56 5.58
N PRO A 182 -14.29 -0.91 4.49
CA PRO A 182 -12.84 -0.78 4.27
C PRO A 182 -12.20 0.11 5.31
N VAL A 183 -11.12 -0.35 5.94
CA VAL A 183 -10.42 0.49 6.91
C VAL A 183 -9.42 1.45 6.26
N THR A 184 -9.02 1.15 5.02
CA THR A 184 -8.06 2.01 4.32
C THR A 184 -8.25 1.93 2.80
N ASN A 185 -7.76 2.96 2.11
CA ASN A 185 -7.65 2.93 0.66
C ASN A 185 -6.19 3.25 0.32
N GLN A 186 -5.47 2.25 -0.17
CA GLN A 186 -4.05 2.41 -0.50
C GLN A 186 -3.90 2.85 -1.95
N VAL A 187 -3.46 4.11 -2.14
CA VAL A 187 -3.34 4.71 -3.46
C VAL A 187 -2.01 5.44 -3.57
N GLU A 188 -1.58 5.70 -4.81
CA GLU A 188 -0.35 6.45 -5.05
C GLU A 188 -0.56 7.84 -4.49
N CYS A 189 0.41 8.35 -3.74
CA CYS A 189 0.30 9.70 -3.23
C CYS A 189 1.67 10.27 -2.94
N HIS A 190 1.88 11.50 -3.39
CA HIS A 190 3.16 12.18 -3.27
C HIS A 190 2.93 13.62 -3.76
N PRO A 191 3.95 14.50 -3.70
CA PRO A 191 3.69 15.89 -4.10
C PRO A 191 3.31 16.11 -5.58
N TYR A 192 3.55 15.15 -6.47
CA TYR A 192 3.10 15.30 -7.86
C TYR A 192 1.68 14.76 -8.06
N LEU A 193 1.14 14.14 -7.01
CA LEU A 193 -0.20 13.57 -7.06
C LEU A 193 -0.73 13.59 -5.63
N THR A 194 -1.23 14.76 -5.23
CA THR A 194 -1.53 15.01 -3.83
C THR A 194 -2.87 14.42 -3.36
N GLN A 195 -3.72 13.99 -4.29
CA GLN A 195 -4.98 13.30 -3.94
C GLN A 195 -5.85 14.08 -2.93
N GLU A 196 -5.98 15.38 -3.10
CA GLU A 196 -6.69 16.17 -2.09
C GLU A 196 -8.16 15.76 -1.94
N LYS A 197 -8.85 15.59 -3.07
CA LYS A 197 -10.27 15.25 -3.01
C LYS A 197 -10.51 13.81 -2.52
N LEU A 198 -9.70 12.87 -2.99
CA LEU A 198 -9.86 11.49 -2.56
C LEU A 198 -9.57 11.30 -1.06
N ILE A 199 -8.59 12.03 -0.55
CA ILE A 199 -8.23 11.94 0.86
C ILE A 199 -9.39 12.52 1.68
N GLN A 200 -9.87 13.69 1.26
CA GLN A 200 -11.03 14.32 1.88
C GLN A 200 -12.23 13.38 1.94
N TYR A 201 -12.56 12.75 0.80
CA TYR A 201 -13.66 11.81 0.75
C TYR A 201 -13.45 10.65 1.72
N CYS A 202 -12.30 9.97 1.61
CA CYS A 202 -12.00 8.83 2.47
C CYS A 202 -12.12 9.16 3.96
N HIS A 203 -11.46 10.24 4.38
CA HIS A 203 -11.50 10.63 5.77
C HIS A 203 -12.92 10.95 6.22
N SER A 204 -13.74 11.51 5.33
CA SER A 204 -15.10 11.88 5.69
C SER A 204 -15.95 10.63 5.91
N LYS A 205 -15.48 9.49 5.40
CA LYS A 205 -16.13 8.20 5.61
C LYS A 205 -15.46 7.30 6.66
N GLY A 206 -14.42 7.80 7.33
CA GLY A 206 -13.77 7.01 8.37
C GLY A 206 -12.83 5.98 7.77
N ILE A 207 -12.40 6.26 6.54
CA ILE A 207 -11.47 5.41 5.82
C ILE A 207 -10.11 6.08 5.75
N THR A 208 -9.07 5.42 6.26
CA THR A 208 -7.75 6.00 6.21
C THR A 208 -7.21 5.89 4.80
N VAL A 209 -6.10 6.56 4.55
CA VAL A 209 -5.44 6.48 3.25
C VAL A 209 -3.99 6.03 3.47
N THR A 210 -3.56 5.06 2.66
CA THR A 210 -2.19 4.60 2.68
C THR A 210 -1.52 5.03 1.39
N ALA A 211 -0.46 5.82 1.52
CA ALA A 211 0.21 6.41 0.37
C ALA A 211 1.28 5.48 -0.13
N TYR A 212 1.11 4.97 -1.35
CA TYR A 212 2.17 4.18 -1.95
C TYR A 212 3.02 4.99 -2.95
N SER A 213 4.14 4.41 -3.39
CA SER A 213 5.15 5.13 -4.18
C SER A 213 5.40 6.55 -3.69
N PRO A 214 5.70 6.71 -2.38
CA PRO A 214 5.87 8.08 -1.87
C PRO A 214 7.17 8.74 -2.34
N LEU A 215 8.12 7.94 -2.83
CA LEU A 215 9.38 8.47 -3.31
C LEU A 215 9.39 8.59 -4.84
N GLY A 216 8.24 8.30 -5.44
CA GLY A 216 8.11 8.39 -6.88
C GLY A 216 8.47 7.11 -7.59
N SER A 217 8.64 6.03 -6.84
CA SER A 217 8.96 4.72 -7.41
C SER A 217 10.06 4.74 -8.50
N PRO A 218 11.26 5.29 -8.19
CA PRO A 218 12.29 5.40 -9.22
C PRO A 218 12.74 4.06 -9.80
N ASP A 219 12.50 2.97 -9.07
CA ASP A 219 12.91 1.65 -9.53
C ASP A 219 11.81 0.90 -10.30
N ARG A 220 10.70 1.58 -10.58
CA ARG A 220 9.66 0.97 -11.42
C ARG A 220 10.24 0.72 -12.81
N PRO A 221 9.97 -0.48 -13.38
CA PRO A 221 10.56 -0.88 -14.66
C PRO A 221 10.29 0.13 -15.78
N TRP A 222 9.04 0.58 -15.87
CA TRP A 222 8.59 1.43 -16.96
C TRP A 222 9.04 2.87 -16.86
N ALA A 223 9.84 3.20 -15.86
CA ALA A 223 10.35 4.56 -15.70
C ALA A 223 11.01 5.01 -17.00
N LYS A 224 10.79 6.26 -17.37
CA LYS A 224 11.39 6.81 -18.59
C LYS A 224 12.15 8.06 -18.16
N PRO A 225 13.24 8.41 -18.88
CA PRO A 225 14.11 9.51 -18.44
C PRO A 225 13.42 10.86 -18.28
N GLU A 226 12.44 11.16 -19.14
CA GLU A 226 11.77 12.46 -19.06
C GLU A 226 10.81 12.54 -17.87
N ASP A 227 10.33 11.37 -17.39
CA ASP A 227 9.44 11.28 -16.23
C ASP A 227 9.97 12.10 -15.05
N PRO A 228 9.08 12.85 -14.37
CA PRO A 228 9.47 13.70 -13.24
C PRO A 228 10.15 12.86 -12.17
N SER A 229 10.90 13.52 -11.30
CA SER A 229 11.66 12.82 -10.29
C SER A 229 11.63 13.58 -8.97
N LEU A 230 10.86 13.06 -8.00
CA LEU A 230 10.70 13.70 -6.70
C LEU A 230 12.01 13.78 -5.92
N LEU A 231 12.78 12.70 -5.92
CA LEU A 231 13.97 12.62 -5.11
C LEU A 231 15.04 13.60 -5.58
N GLU A 232 15.00 13.97 -6.86
CA GLU A 232 15.98 14.90 -7.42
C GLU A 232 15.43 16.32 -7.50
N ASP A 233 14.16 16.51 -7.14
CA ASP A 233 13.54 17.84 -7.14
C ASP A 233 14.29 18.79 -6.19
N PRO A 234 14.88 19.86 -6.74
CA PRO A 234 15.69 20.85 -6.00
C PRO A 234 14.90 21.62 -4.93
N LYS A 235 13.60 21.83 -5.15
CA LYS A 235 12.77 22.50 -4.16
C LYS A 235 12.56 21.58 -2.95
N ILE A 236 12.37 20.28 -3.22
CA ILE A 236 12.28 19.29 -2.16
C ILE A 236 13.58 19.25 -1.36
N LYS A 237 14.71 19.16 -2.05
CA LYS A 237 16.02 19.08 -1.40
C LYS A 237 16.31 20.35 -0.60
N GLU A 238 15.87 21.48 -1.14
CA GLU A 238 16.01 22.77 -0.48
C GLU A 238 15.34 22.75 0.88
N ILE A 239 14.13 22.22 0.94
CA ILE A 239 13.41 22.15 2.21
C ILE A 239 14.04 21.11 3.12
N ALA A 240 14.52 20.02 2.53
CA ALA A 240 15.23 18.97 3.26
C ALA A 240 16.47 19.53 3.96
N ALA A 241 17.28 20.26 3.19
CA ALA A 241 18.52 20.86 3.68
C ALA A 241 18.25 21.75 4.90
N LYS A 242 17.09 22.39 4.93
CA LYS A 242 16.70 23.27 6.03
C LYS A 242 16.49 22.52 7.33
N HIS A 243 15.97 21.29 7.23
CA HIS A 243 15.69 20.51 8.42
C HIS A 243 16.79 19.50 8.74
N LYS A 244 17.87 19.58 7.96
CA LYS A 244 19.00 18.65 8.09
C LYS A 244 18.50 17.22 7.92
N LYS A 245 17.64 17.04 6.92
CA LYS A 245 17.06 15.75 6.58
C LYS A 245 17.31 15.48 5.10
N THR A 246 17.04 14.27 4.64
CA THR A 246 17.12 14.01 3.21
C THR A 246 15.78 14.30 2.54
N ALA A 247 15.82 14.37 1.22
CA ALA A 247 14.64 14.56 0.39
C ALA A 247 13.62 13.47 0.69
N ALA A 248 14.10 12.24 0.81
CA ALA A 248 13.24 11.08 1.10
C ALA A 248 12.47 11.30 2.38
N GLN A 249 13.17 11.76 3.40
CA GLN A 249 12.59 11.97 4.72
C GLN A 249 11.51 13.05 4.69
N VAL A 250 11.70 14.07 3.84
CA VAL A 250 10.68 15.10 3.67
C VAL A 250 9.45 14.51 2.97
N LEU A 251 9.70 13.69 1.95
CA LEU A 251 8.64 13.07 1.18
C LEU A 251 7.81 12.10 2.03
N ILE A 252 8.44 11.51 3.04
CA ILE A 252 7.73 10.65 3.98
C ILE A 252 6.94 11.48 5.00
N ARG A 253 7.61 12.47 5.60
CA ARG A 253 7.00 13.33 6.60
C ARG A 253 5.77 14.07 6.04
N PHE A 254 5.81 14.37 4.76
CA PHE A 254 4.70 15.04 4.08
C PHE A 254 3.38 14.31 4.39
N HIS A 255 3.37 12.99 4.21
CA HIS A 255 2.17 12.19 4.44
C HIS A 255 1.78 12.13 5.93
N ILE A 256 2.79 12.00 6.78
CA ILE A 256 2.55 11.95 8.22
C ILE A 256 1.76 13.16 8.67
N GLN A 257 2.11 14.34 8.15
CA GLN A 257 1.44 15.56 8.58
C GLN A 257 0.08 15.81 7.89
N ARG A 258 -0.33 14.89 7.02
CA ARG A 258 -1.69 14.93 6.48
C ARG A 258 -2.48 13.78 7.11
N ASN A 259 -1.88 13.17 8.12
CA ASN A 259 -2.44 12.01 8.80
C ASN A 259 -2.65 10.83 7.84
N VAL A 260 -1.73 10.70 6.88
CA VAL A 260 -1.81 9.67 5.86
C VAL A 260 -0.68 8.66 6.08
N ILE A 261 -1.04 7.39 6.08
CA ILE A 261 -0.11 6.31 6.30
C ILE A 261 0.76 6.19 5.05
N VAL A 262 2.04 5.90 5.23
CA VAL A 262 2.95 5.92 4.10
C VAL A 262 3.92 4.73 4.17
N ILE A 263 4.20 4.12 3.01
CA ILE A 263 4.92 2.83 3.00
C ILE A 263 6.12 2.78 2.03
N PRO A 264 7.17 3.56 2.33
CA PRO A 264 8.31 3.63 1.41
C PRO A 264 9.04 2.31 1.34
N LYS A 265 9.51 1.94 0.15
CA LYS A 265 10.21 0.68 -0.06
C LYS A 265 11.72 0.89 -0.14
N SER A 266 12.48 0.03 0.53
CA SER A 266 13.92 -0.02 0.31
C SER A 266 14.46 -1.37 0.73
N VAL A 267 15.53 -1.81 0.08
CA VAL A 267 16.28 -2.98 0.52
C VAL A 267 17.68 -2.57 1.00
N THR A 268 17.89 -1.26 1.15
CA THR A 268 19.16 -0.75 1.65
C THR A 268 19.02 -0.40 3.15
N PRO A 269 19.72 -1.14 4.01
CA PRO A 269 19.66 -0.96 5.47
C PRO A 269 19.75 0.51 5.91
N ALA A 270 20.72 1.25 5.37
CA ALA A 270 20.88 2.66 5.71
C ALA A 270 19.62 3.45 5.39
N ARG A 271 19.04 3.20 4.21
CA ARG A 271 17.84 3.93 3.81
C ARG A 271 16.62 3.51 4.64
N ILE A 272 16.51 2.23 4.93
CA ILE A 272 15.39 1.70 5.72
C ILE A 272 15.32 2.42 7.05
N VAL A 273 16.48 2.61 7.69
CA VAL A 273 16.55 3.31 8.95
C VAL A 273 16.22 4.79 8.75
N GLU A 274 16.89 5.39 7.77
CA GLU A 274 16.64 6.78 7.43
C GLU A 274 15.16 7.07 7.21
N ASN A 275 14.45 6.12 6.59
CA ASN A 275 13.05 6.33 6.21
C ASN A 275 12.08 6.34 7.39
N ILE A 276 12.53 5.86 8.54
CA ILE A 276 11.68 5.87 9.72
C ILE A 276 12.13 6.92 10.74
N GLN A 277 13.26 7.58 10.47
CA GLN A 277 13.69 8.69 11.31
C GLN A 277 13.03 9.97 10.85
N VAL A 278 11.72 10.05 11.03
CA VAL A 278 10.97 11.18 10.52
C VAL A 278 10.01 11.68 11.58
N PHE A 279 10.30 11.35 12.83
CA PHE A 279 9.48 11.83 13.95
C PHE A 279 10.22 12.79 14.86
N ASP A 280 11.30 13.38 14.33
CA ASP A 280 12.10 14.32 15.10
C ASP A 280 12.15 15.71 14.45
N PHE A 281 11.29 15.92 13.46
CA PHE A 281 11.17 17.24 12.86
C PHE A 281 9.76 17.48 12.36
N LYS A 282 9.44 18.74 12.09
CA LYS A 282 8.15 19.10 11.57
C LYS A 282 8.32 20.00 10.37
N LEU A 283 7.44 19.87 9.40
CA LEU A 283 7.42 20.79 8.29
C LEU A 283 6.48 21.92 8.67
N SER A 284 6.88 23.15 8.38
CA SER A 284 6.05 24.33 8.63
C SER A 284 4.83 24.28 7.74
N ASP A 285 3.82 25.07 8.07
CA ASP A 285 2.61 25.14 7.26
C ASP A 285 2.95 25.68 5.87
N GLU A 286 3.85 26.65 5.84
CA GLU A 286 4.29 27.26 4.58
C GLU A 286 4.94 26.18 3.72
N GLU A 287 5.75 25.33 4.34
CA GLU A 287 6.41 24.24 3.63
C GLU A 287 5.40 23.24 3.09
N MET A 288 4.43 22.87 3.92
CA MET A 288 3.37 21.96 3.50
C MET A 288 2.56 22.57 2.35
N ALA A 289 2.22 23.85 2.45
CA ALA A 289 1.42 24.49 1.40
C ALA A 289 2.22 24.52 0.11
N THR A 290 3.52 24.76 0.24
CA THR A 290 4.42 24.75 -0.89
C THR A 290 4.49 23.37 -1.53
N ILE A 291 4.66 22.34 -0.70
CA ILE A 291 4.76 20.99 -1.22
C ILE A 291 3.45 20.58 -1.91
N LEU A 292 2.32 20.94 -1.31
CA LEU A 292 1.02 20.63 -1.91
C LEU A 292 0.85 21.28 -3.29
N SER A 293 1.46 22.45 -3.46
CA SER A 293 1.36 23.22 -4.70
C SER A 293 2.09 22.55 -5.86
N PHE A 294 2.82 21.48 -5.57
CA PHE A 294 3.59 20.81 -6.63
C PHE A 294 2.74 19.82 -7.40
N ASN A 295 1.48 19.66 -7.00
CA ASN A 295 0.62 18.67 -7.63
C ASN A 295 0.63 18.82 -9.15
N ARG A 296 0.79 17.70 -9.86
CA ARG A 296 0.84 17.69 -11.32
C ARG A 296 -0.09 16.62 -11.85
N ASN A 297 -0.85 16.01 -10.95
CA ASN A 297 -1.71 14.88 -11.28
C ASN A 297 -0.94 13.83 -12.07
N TRP A 298 0.32 13.62 -11.70
CA TRP A 298 1.13 12.66 -12.40
C TRP A 298 1.20 11.32 -11.66
N ARG A 299 0.85 10.24 -12.37
CA ARG A 299 0.86 8.90 -11.79
C ARG A 299 2.06 8.10 -12.27
N ALA A 300 2.93 7.70 -11.34
CA ALA A 300 4.06 6.86 -11.66
C ALA A 300 3.55 5.46 -11.94
N CYS A 301 2.45 5.11 -11.27
CA CYS A 301 1.93 3.75 -11.34
C CYS A 301 0.69 3.66 -12.24
N ASN A 302 0.92 3.69 -13.55
CA ASN A 302 -0.18 3.66 -14.53
C ASN A 302 0.26 3.13 -15.89
N VAL A 303 0.72 1.88 -15.92
CA VAL A 303 1.38 1.35 -17.11
C VAL A 303 0.48 0.39 -17.89
N LEU A 304 -0.55 -0.13 -17.24
CA LEU A 304 -1.36 -1.19 -17.82
C LEU A 304 -2.53 -0.65 -18.65
N GLN A 305 -2.56 -1.01 -19.94
CA GLN A 305 -3.67 -0.62 -20.82
C GLN A 305 -4.96 -1.37 -20.43
N SER A 306 -5.77 -0.72 -19.59
CA SER A 306 -6.96 -1.38 -19.03
C SER A 306 -8.18 -0.47 -18.98
N SER A 307 -8.11 0.69 -19.64
CA SER A 307 -9.17 1.70 -19.58
C SER A 307 -10.48 1.26 -20.25
N HIS A 308 -10.44 0.13 -20.96
CA HIS A 308 -11.62 -0.38 -21.64
C HIS A 308 -12.52 -1.19 -20.70
N LEU A 309 -11.92 -1.79 -19.67
CA LEU A 309 -12.67 -2.61 -18.72
C LEU A 309 -13.52 -1.73 -17.81
N GLU A 310 -14.63 -2.32 -17.34
CA GLU A 310 -15.66 -1.58 -16.61
C GLU A 310 -15.15 -0.87 -15.35
N ASP A 311 -14.30 -1.54 -14.58
CA ASP A 311 -13.90 -0.96 -13.31
C ASP A 311 -12.50 -0.34 -13.31
N TYR A 312 -12.17 0.35 -14.39
CA TYR A 312 -10.93 1.12 -14.44
C TYR A 312 -11.11 2.37 -13.59
N PRO A 313 -10.24 2.56 -12.57
CA PRO A 313 -10.40 3.61 -11.55
C PRO A 313 -9.99 5.02 -11.94
N PHE A 314 -9.08 5.19 -12.90
CA PHE A 314 -8.46 6.50 -13.10
C PHE A 314 -9.13 7.37 -14.17
N ASP A 315 -10.31 6.97 -14.63
CA ASP A 315 -11.11 7.83 -15.49
C ASP A 315 -11.84 8.88 -14.66
N ALA A 316 -12.28 8.48 -13.46
CA ALA A 316 -12.93 9.39 -12.52
C ALA A 316 -11.96 10.50 -12.11
N GLU A 317 -12.49 11.69 -11.85
CA GLU A 317 -11.69 12.80 -11.35
C GLU A 317 -11.01 12.41 -10.04
N TYR A 318 -11.73 11.67 -9.20
CA TYR A 318 -11.15 11.09 -7.99
C TYR A 318 -12.01 9.94 -7.47
PA NAP B . 8.94 4.01 -3.45
O1A NAP B . 8.91 3.66 -2.00
O2A NAP B . 8.38 5.43 -3.76
O5B NAP B . 10.48 4.12 -3.97
C5B NAP B . 11.35 2.98 -3.86
C4B NAP B . 12.70 3.33 -4.43
O4B NAP B . 13.28 4.42 -3.69
C3B NAP B . 13.72 2.21 -4.42
O3B NAP B . 14.46 2.18 -5.64
C2B NAP B . 14.62 2.55 -3.22
O2B NAP B . 15.97 2.06 -3.42
C1B NAP B . 14.57 4.07 -3.23
N9A NAP B . 14.77 4.62 -1.90
C8A NAP B . 14.23 4.17 -0.73
N7A NAP B . 14.56 4.87 0.33
C5A NAP B . 15.39 5.86 -0.19
C6A NAP B . 16.09 6.92 0.43
N6A NAP B . 16.02 7.19 1.74
N1A NAP B . 16.87 7.69 -0.37
C2A NAP B . 16.93 7.42 -1.67
N3A NAP B . 16.31 6.46 -2.36
C4A NAP B . 15.54 5.72 -1.55
O3 NAP B . 8.24 3.03 -4.40
PN NAP B . 7.23 1.80 -4.62
O1N NAP B . 7.94 0.56 -4.20
O2N NAP B . 6.62 1.86 -5.96
O5D NAP B . 6.12 2.11 -3.51
C5D NAP B . 6.38 1.79 -2.13
C4D NAP B . 5.60 0.55 -1.74
O4D NAP B . 4.18 0.84 -1.82
C3D NAP B . 5.79 -0.66 -2.65
O3D NAP B . 6.96 -1.40 -2.37
C2D NAP B . 4.51 -1.45 -2.36
O2D NAP B . 4.60 -2.09 -1.09
C1D NAP B . 3.47 -0.34 -2.21
N1N NAP B . 2.83 -0.12 -3.58
C2N NAP B . 1.51 -0.57 -3.71
C3N NAP B . 0.87 -0.49 -4.94
C7N NAP B . -0.58 -0.88 -5.04
O7N NAP B . -1.24 -1.16 -3.98
N7N NAP B . -1.16 -0.85 -6.23
C4N NAP B . 1.57 0.01 -6.02
C5N NAP B . 2.87 0.47 -5.87
C6N NAP B . 3.49 0.41 -4.63
P2B NAP B . 16.52 0.68 -2.73
O1X NAP B . 15.43 -0.45 -2.50
O2X NAP B . 17.63 0.31 -3.79
O3X NAP B . 17.16 1.25 -1.40
C1 ZST C . 2.23 -3.37 -12.67
O1 ZST C . 2.19 -3.50 -13.87
C2 ZST C . 2.89 -4.32 -11.77
C3 ZST C . 2.90 -4.12 -10.39
C4 ZST C . 2.27 -2.88 -9.90
C5 ZST C . 3.50 -5.47 -12.30
C6 ZST C . 4.08 -6.39 -11.46
C7 ZST C . 4.07 -6.20 -10.10
C8 ZST C . 3.49 -5.07 -9.55
N1 ZST C . 1.62 -2.24 -12.02
N2 ZST C . 1.68 -2.03 -10.66
C9 ZST C . 0.75 -1.32 -12.72
C10 ZST C . -0.65 -1.87 -12.65
C11 ZST C . -2.65 -3.21 -12.31
C12 ZST C . -2.84 -1.98 -12.95
C13 ZST C . -3.74 -4.05 -12.07
C14 ZST C . -5.01 -3.64 -12.44
C15 ZST C . -5.20 -2.40 -13.05
C16 ZST C . -4.12 -1.58 -13.32
N3 ZST C . -1.67 -1.23 -13.13
S1 ZST C . -0.97 -3.42 -11.93
C17 ZST C . 2.36 -2.52 -8.44
C18 ZST C . 1.32 -3.20 -7.57
O2 ZST C . 1.36 -3.16 -6.34
O3 ZST C . 0.40 -3.82 -8.24
C19 ZST C . -6.60 -1.89 -13.30
F1 ZST C . -7.38 -1.99 -12.20
F2 ZST C . -6.59 -0.57 -13.64
F3 ZST C . -7.21 -2.56 -14.30
NA NA D . 5.63 11.68 -0.89
#